data_3O9X
#
_entry.id   3O9X
#
_cell.length_a   60.996
_cell.length_b   60.996
_cell.length_c   148.612
_cell.angle_alpha   90.00
_cell.angle_beta   90.00
_cell.angle_gamma   90.00
#
_symmetry.space_group_name_H-M   'P 41'
#
loop_
_entity.id
_entity.type
_entity.pdbx_description
1 polymer 'Uncharacterized HTH-type transcriptional regulator ygiT'
2 polymer 'DNA (26-MER)'
3 polymer 'DNA (26-MER)'
4 non-polymer 'ZINC ION'
5 non-polymer GLYCEROL
6 water water
#
loop_
_entity_poly.entity_id
_entity_poly.type
_entity_poly.pdbx_seq_one_letter_code
_entity_poly.pdbx_strand_id
1 'polypeptide(L)'
;GHMKCPVCHQGEMVSGIKDIPYTFRGRKTVLKGIHGLYCVHCEESIMNKEESDAFMAQVKAFRASVNAETVAPEFIVKVR
KKLSLTQKEASEIFGGGVNAFSRYEKGNAQPHPSTIKLLRVLDKHPELLNEIR
;
A,B
2 'polydeoxyribonucleotide'
;(DT)(DG)(DT)(DA)(DA)(DT)(DT)(DA)(DA)(DC)(DC)(DT)(DT)(DT)(DT)(DA)(DG)(DG)(DT)(DT)
(DA)(DT)(DA)(DA)(DC)(DT)
;
F
3 'polydeoxyribonucleotide'
;(DA)(DG)(DT)(DT)(DA)(DT)(DA)(DA)(DC)(DC)(DT)(DA)(DA)(DA)(DA)(DG)(DG)(DT)(DT)(DA)
(DA)(DT)(DT)(DA)(DC)(DA)
;
E
#
loop_
_chem_comp.id
_chem_comp.type
_chem_comp.name
_chem_comp.formula
DA DNA linking 2'-DEOXYADENOSINE-5'-MONOPHOSPHATE 'C10 H14 N5 O6 P'
DC DNA linking 2'-DEOXYCYTIDINE-5'-MONOPHOSPHATE 'C9 H14 N3 O7 P'
DG DNA linking 2'-DEOXYGUANOSINE-5'-MONOPHOSPHATE 'C10 H14 N5 O7 P'
DT DNA linking THYMIDINE-5'-MONOPHOSPHATE 'C10 H15 N2 O8 P'
GOL non-polymer GLYCEROL 'C3 H8 O3'
ZN non-polymer 'ZINC ION' 'Zn 2'
#
# COMPACT_ATOMS: atom_id res chain seq x y z
N HIS A 2 26.46 -11.28 33.10
CA HIS A 2 27.16 -12.08 32.10
C HIS A 2 26.19 -12.86 31.22
N MET A 3 25.15 -12.19 30.71
CA MET A 3 24.15 -12.90 29.94
C MET A 3 24.59 -13.17 28.51
N LYS A 4 24.23 -14.35 28.00
CA LYS A 4 24.58 -14.75 26.66
C LYS A 4 23.51 -14.29 25.66
N CYS A 5 23.93 -14.00 24.44
CA CYS A 5 23.01 -13.60 23.38
C CYS A 5 22.01 -14.73 23.11
N PRO A 6 20.71 -14.45 23.35
CA PRO A 6 19.64 -15.42 23.11
C PRO A 6 19.42 -15.72 21.63
N VAL A 7 20.17 -15.05 20.75
CA VAL A 7 20.01 -15.24 19.30
C VAL A 7 21.12 -16.10 18.70
N CYS A 8 22.35 -15.63 18.74
CA CYS A 8 23.47 -16.39 18.19
C CYS A 8 24.12 -17.32 19.22
N HIS A 9 23.84 -17.09 20.50
CA HIS A 9 24.39 -17.92 21.57
C HIS A 9 25.92 -17.91 21.58
N GLN A 10 26.52 -17.02 20.80
CA GLN A 10 27.97 -16.99 20.62
C GLN A 10 28.63 -15.72 21.17
N GLY A 11 27.81 -14.75 21.56
CA GLY A 11 28.34 -13.54 22.15
C GLY A 11 27.66 -13.26 23.48
N GLU A 12 28.31 -12.45 24.29
CA GLU A 12 27.74 -11.98 25.54
C GLU A 12 27.03 -10.67 25.25
N MET A 13 25.99 -10.35 26.05
CA MET A 13 25.32 -9.07 26.00
C MET A 13 26.08 -8.09 26.89
N VAL A 14 26.61 -7.04 26.28
CA VAL A 14 27.42 -6.07 26.98
C VAL A 14 26.82 -4.68 26.85
N SER A 15 26.60 -4.02 27.98
CA SER A 15 26.04 -2.68 28.03
C SER A 15 26.96 -1.64 27.38
N GLY A 16 26.41 -0.86 26.46
CA GLY A 16 27.15 0.19 25.82
C GLY A 16 26.19 1.04 25.02
N ILE A 17 26.70 1.69 23.98
CA ILE A 17 25.86 2.54 23.16
C ILE A 17 26.13 2.21 21.71
N LYS A 18 25.15 2.47 20.86
CA LYS A 18 25.28 2.21 19.43
C LYS A 18 24.55 3.30 18.67
N ASP A 19 25.17 3.77 17.60
CA ASP A 19 24.50 4.61 16.64
C ASP A 19 23.69 3.68 15.76
N ILE A 20 22.38 3.92 15.66
CA ILE A 20 21.49 3.03 14.95
C ILE A 20 20.97 3.68 13.67
N PRO A 21 21.39 3.14 12.51
CA PRO A 21 20.85 3.68 11.26
C PRO A 21 19.36 3.37 11.20
N TYR A 22 18.60 4.27 10.57
CA TYR A 22 17.18 4.08 10.39
C TYR A 22 16.73 4.77 9.09
N THR A 23 15.84 4.09 8.36
CA THR A 23 15.35 4.61 7.09
C THR A 23 13.82 4.57 7.04
N PHE A 24 13.23 5.67 6.59
CA PHE A 24 11.78 5.73 6.38
C PHE A 24 11.45 6.53 5.12
N ARG A 25 10.65 5.94 4.25
CA ARG A 25 10.23 6.58 3.00
C ARG A 25 11.42 7.15 2.24
N GLY A 26 12.56 6.44 2.31
CA GLY A 26 13.75 6.83 1.60
C GLY A 26 14.67 7.80 2.32
N ARG A 27 14.21 8.36 3.45
CA ARG A 27 15.06 9.25 4.24
C ARG A 27 15.85 8.46 5.26
N LYS A 28 17.17 8.69 5.30
CA LYS A 28 18.04 7.97 6.20
C LYS A 28 18.53 8.88 7.33
N THR A 29 18.65 8.30 8.51
CA THR A 29 19.17 9.02 9.65
C THR A 29 19.99 8.05 10.47
N VAL A 30 20.71 8.57 11.46
CA VAL A 30 21.40 7.75 12.44
C VAL A 30 20.90 8.19 13.80
N LEU A 31 20.30 7.27 14.54
CA LEU A 31 19.91 7.55 15.91
C LEU A 31 21.10 7.25 16.81
N LYS A 32 21.67 8.28 17.41
CA LYS A 32 23.01 8.20 17.96
C LYS A 32 23.08 7.91 19.47
N GLY A 33 24.13 7.20 19.87
CA GLY A 33 24.43 6.94 21.26
C GLY A 33 23.35 6.14 21.95
N ILE A 34 22.71 5.23 21.23
CA ILE A 34 21.60 4.49 21.83
C ILE A 34 22.11 3.48 22.85
N HIS A 35 21.75 3.70 24.11
CA HIS A 35 22.07 2.78 25.19
C HIS A 35 21.29 1.49 25.11
N GLY A 36 21.98 0.39 25.39
CA GLY A 36 21.37 -0.93 25.38
C GLY A 36 22.38 -2.01 25.75
N LEU A 37 21.90 -3.26 25.82
CA LEU A 37 22.79 -4.41 25.87
C LEU A 37 22.99 -4.85 24.44
N TYR A 38 24.25 -5.05 24.05
CA TYR A 38 24.54 -5.45 22.69
C TYR A 38 25.36 -6.72 22.69
N CYS A 39 25.03 -7.62 21.76
CA CYS A 39 25.79 -8.84 21.63
C CYS A 39 27.15 -8.53 21.00
N VAL A 40 28.19 -9.11 21.59
CA VAL A 40 29.54 -8.97 21.08
C VAL A 40 29.63 -9.54 19.69
N HIS A 41 28.84 -10.58 19.43
CA HIS A 41 28.98 -11.37 18.21
C HIS A 41 28.06 -10.93 17.07
N CYS A 42 26.78 -10.78 17.35
CA CYS A 42 25.81 -10.42 16.31
C CYS A 42 25.15 -9.09 16.61
N GLU A 43 24.02 -8.86 15.96
CA GLU A 43 23.31 -7.58 16.02
C GLU A 43 22.27 -7.54 17.12
N GLU A 44 22.06 -8.67 17.78
CA GLU A 44 21.10 -8.76 18.86
C GLU A 44 21.33 -7.63 19.86
N SER A 45 20.27 -6.89 20.16
CA SER A 45 20.32 -5.86 21.20
C SER A 45 19.15 -6.04 22.17
N ILE A 46 19.36 -5.64 23.40
CA ILE A 46 18.32 -5.70 24.42
C ILE A 46 18.29 -4.42 25.22
N MET A 47 17.20 -3.66 25.08
CA MET A 47 17.03 -2.42 25.80
C MET A 47 16.01 -2.59 26.93
N ASN A 48 16.25 -1.92 28.05
CA ASN A 48 15.25 -1.89 29.11
C ASN A 48 14.10 -1.01 28.67
N LYS A 49 13.13 -0.77 29.55
CA LYS A 49 11.96 0.01 29.19
C LYS A 49 12.34 1.46 28.91
N GLU A 50 13.12 2.05 29.80
CA GLU A 50 13.60 3.41 29.62
C GLU A 50 14.29 3.60 28.27
N GLU A 51 15.15 2.64 27.91
CA GLU A 51 15.90 2.68 26.65
C GLU A 51 15.01 2.44 25.44
N SER A 52 14.12 1.48 25.53
CA SER A 52 13.14 1.23 24.46
C SER A 52 12.30 2.47 24.21
N ASP A 53 11.76 3.03 25.27
CA ASP A 53 10.86 4.18 25.15
C ASP A 53 11.58 5.34 24.48
N ALA A 54 12.78 5.66 24.96
CA ALA A 54 13.58 6.72 24.37
C ALA A 54 13.81 6.48 22.87
N PHE A 55 14.16 5.25 22.55
CA PHE A 55 14.46 4.88 21.18
C PHE A 55 13.24 5.00 20.28
N MET A 56 12.13 4.39 20.71
CA MET A 56 10.91 4.44 19.93
C MET A 56 10.39 5.86 19.75
N ALA A 57 10.60 6.71 20.75
CA ALA A 57 10.22 8.11 20.65
C ALA A 57 11.05 8.80 19.58
N GLN A 58 12.32 8.45 19.50
CA GLN A 58 13.19 9.00 18.45
C GLN A 58 12.76 8.53 17.07
N VAL A 59 12.51 7.23 16.94
CA VAL A 59 11.97 6.70 15.69
C VAL A 59 10.64 7.37 15.29
N LYS A 60 9.71 7.48 16.24
CA LYS A 60 8.44 8.15 15.95
C LYS A 60 8.65 9.60 15.54
N ALA A 61 9.57 10.28 16.21
CA ALA A 61 9.89 11.67 15.91
C ALA A 61 10.46 11.81 14.51
N PHE A 62 11.35 10.88 14.14
CA PHE A 62 11.96 10.92 12.83
C PHE A 62 10.93 10.74 11.73
N ARG A 63 10.08 9.73 11.87
CA ARG A 63 9.09 9.45 10.84
C ARG A 63 8.15 10.65 10.64
N ALA A 64 7.72 11.25 11.74
CA ALA A 64 6.87 12.43 11.66
C ALA A 64 7.53 13.58 10.92
N SER A 65 8.84 13.78 11.12
CA SER A 65 9.51 14.86 10.41
C SER A 65 9.67 14.51 8.93
N VAL A 66 9.86 13.24 8.64
CA VAL A 66 9.93 12.80 7.24
C VAL A 66 8.59 13.05 6.53
N ASN A 67 7.48 12.62 7.15
CA ASN A 67 6.16 12.87 6.57
C ASN A 67 5.88 14.36 6.42
N ALA A 68 6.40 15.16 7.35
CA ALA A 68 6.10 16.61 7.35
C ALA A 68 6.85 17.34 6.24
N GLU A 69 7.72 16.64 5.53
CA GLU A 69 8.43 17.26 4.43
C GLU A 69 7.51 17.52 3.25
N THR A 70 6.50 16.65 3.10
CA THR A 70 5.64 16.67 1.93
C THR A 70 4.20 17.10 2.25
N VAL A 71 3.83 17.03 3.53
CA VAL A 71 2.53 17.54 3.94
C VAL A 71 2.50 17.89 5.42
N ALA A 72 2.06 19.11 5.71
CA ALA A 72 1.94 19.57 7.09
C ALA A 72 0.68 18.99 7.72
N PRO A 73 0.83 18.29 8.85
CA PRO A 73 -0.37 17.76 9.52
C PRO A 73 -1.43 18.82 9.75
N GLU A 74 -1.00 20.06 10.00
CA GLU A 74 -1.90 21.19 10.27
C GLU A 74 -2.74 21.57 9.06
N PHE A 75 -2.15 21.46 7.87
CA PHE A 75 -2.87 21.71 6.62
C PHE A 75 -4.01 20.71 6.44
N ILE A 76 -3.74 19.44 6.73
CA ILE A 76 -4.75 18.39 6.65
C ILE A 76 -5.94 18.61 7.59
N VAL A 77 -5.65 18.83 8.86
CA VAL A 77 -6.70 19.08 9.83
C VAL A 77 -7.51 20.28 9.39
N LYS A 78 -6.81 21.31 8.92
CA LYS A 78 -7.43 22.56 8.54
C LYS A 78 -8.44 22.39 7.41
N VAL A 79 -8.05 21.66 6.37
CA VAL A 79 -8.94 21.47 5.24
C VAL A 79 -10.13 20.57 5.60
N ARG A 80 -9.88 19.61 6.50
CA ARG A 80 -10.91 18.68 6.91
C ARG A 80 -12.01 19.40 7.70
N LYS A 81 -11.62 20.09 8.76
CA LYS A 81 -12.56 20.85 9.58
C LYS A 81 -13.25 21.93 8.74
N LYS A 82 -12.58 22.37 7.69
CA LYS A 82 -13.11 23.38 6.78
C LYS A 82 -14.21 22.84 5.86
N LEU A 83 -14.08 21.56 5.50
CA LEU A 83 -15.10 20.89 4.72
C LEU A 83 -16.15 20.31 5.66
N SER A 84 -15.98 20.59 6.94
CA SER A 84 -16.90 20.10 7.98
C SER A 84 -17.04 18.59 7.94
N LEU A 85 -15.89 17.90 7.94
CA LEU A 85 -15.84 16.45 7.96
C LEU A 85 -15.17 16.01 9.24
N THR A 86 -15.66 14.92 9.83
CA THR A 86 -14.93 14.26 10.88
C THR A 86 -13.87 13.41 10.18
N GLN A 87 -13.02 12.75 10.95
CA GLN A 87 -12.00 11.94 10.31
C GLN A 87 -12.63 10.77 9.59
N LYS A 88 -13.64 10.17 10.22
CA LYS A 88 -14.32 9.02 9.62
C LYS A 88 -15.03 9.42 8.34
N GLU A 89 -15.61 10.62 8.33
CA GLU A 89 -16.27 11.14 7.15
C GLU A 89 -15.23 11.44 6.08
N ALA A 90 -14.11 11.99 6.50
CA ALA A 90 -13.03 12.31 5.56
C ALA A 90 -12.46 11.04 4.92
N SER A 91 -12.33 9.98 5.72
CA SER A 91 -11.75 8.73 5.25
C SER A 91 -12.67 8.04 4.24
N GLU A 92 -13.98 8.16 4.46
CA GLU A 92 -14.97 7.59 3.55
C GLU A 92 -14.88 8.20 2.15
N ILE A 93 -14.59 9.49 2.09
CA ILE A 93 -14.48 10.21 0.83
C ILE A 93 -13.10 10.02 0.20
N PHE A 94 -12.06 10.27 1.01
CA PHE A 94 -10.69 10.25 0.51
C PHE A 94 -10.00 8.89 0.52
N GLY A 95 -10.57 7.93 1.23
CA GLY A 95 -10.00 6.59 1.30
C GLY A 95 -9.15 6.41 2.54
N GLY A 96 -8.60 5.21 2.71
CA GLY A 96 -7.61 4.96 3.76
C GLY A 96 -8.10 4.19 4.97
N GLY A 97 -9.41 4.00 5.08
CA GLY A 97 -9.99 3.34 6.24
C GLY A 97 -10.28 4.35 7.34
N VAL A 98 -11.03 3.93 8.35
CA VAL A 98 -11.54 4.84 9.38
C VAL A 98 -10.46 5.59 10.15
N ASN A 99 -9.28 4.97 10.28
CA ASN A 99 -8.18 5.56 11.04
C ASN A 99 -7.32 6.49 10.19
N ALA A 100 -7.50 6.43 8.87
CA ALA A 100 -6.66 7.17 7.92
C ALA A 100 -6.27 8.55 8.42
N PHE A 101 -7.24 9.41 8.64
CA PHE A 101 -6.93 10.81 8.94
C PHE A 101 -6.28 11.05 10.30
N SER A 102 -6.54 10.17 11.26
CA SER A 102 -5.85 10.24 12.54
C SER A 102 -4.36 10.00 12.35
N ARG A 103 -4.03 9.06 11.45
CA ARG A 103 -2.64 8.73 11.15
C ARG A 103 -1.93 9.84 10.38
N TYR A 104 -2.61 10.46 9.42
CA TYR A 104 -2.04 11.61 8.71
C TYR A 104 -1.82 12.79 9.64
N GLU A 105 -2.83 13.07 10.46
CA GLU A 105 -2.83 14.28 11.26
C GLU A 105 -1.87 14.22 12.45
N LYS A 106 -1.54 13.01 12.88
CA LYS A 106 -0.54 12.80 13.92
C LYS A 106 0.86 12.74 13.32
N GLY A 107 0.92 12.58 12.00
CA GLY A 107 2.17 12.69 11.28
C GLY A 107 2.88 11.36 11.14
N ASN A 108 2.17 10.28 11.47
CA ASN A 108 2.74 8.93 11.50
C ASN A 108 2.68 8.19 10.16
N ALA A 109 1.78 8.63 9.29
CA ALA A 109 1.66 8.03 7.96
C ALA A 109 1.51 9.10 6.88
N GLN A 110 2.08 8.83 5.70
CA GLN A 110 2.00 9.75 4.57
C GLN A 110 0.74 9.45 3.73
N PRO A 111 -0.11 10.47 3.49
CA PRO A 111 -1.25 10.37 2.57
C PRO A 111 -0.80 10.19 1.13
N HIS A 112 -1.67 9.62 0.30
CA HIS A 112 -1.37 9.41 -1.11
C HIS A 112 -1.12 10.77 -1.72
N PRO A 113 -0.24 10.84 -2.74
CA PRO A 113 -0.04 12.14 -3.39
C PRO A 113 -1.33 12.75 -3.92
N SER A 114 -2.31 11.90 -4.28
CA SER A 114 -3.56 12.38 -4.85
C SER A 114 -4.47 12.83 -3.74
N THR A 115 -4.26 12.30 -2.53
CA THR A 115 -5.01 12.78 -1.39
C THR A 115 -4.58 14.20 -1.02
N ILE A 116 -3.27 14.41 -1.03
CA ILE A 116 -2.70 15.72 -0.72
C ILE A 116 -3.14 16.73 -1.77
N LYS A 117 -2.98 16.38 -3.03
CA LYS A 117 -3.34 17.28 -4.12
C LYS A 117 -4.84 17.57 -4.21
N LEU A 118 -5.67 16.58 -3.89
CA LEU A 118 -7.10 16.81 -3.87
C LEU A 118 -7.49 17.70 -2.70
N LEU A 119 -6.79 17.53 -1.58
CA LEU A 119 -6.97 18.41 -0.43
C LEU A 119 -6.59 19.83 -0.79
N ARG A 120 -5.59 19.97 -1.65
CA ARG A 120 -5.17 21.31 -2.08
C ARG A 120 -6.18 21.96 -3.02
N VAL A 121 -6.75 21.18 -3.92
CA VAL A 121 -7.81 21.71 -4.78
C VAL A 121 -9.01 22.21 -3.98
N LEU A 122 -9.44 21.42 -3.00
CA LEU A 122 -10.63 21.71 -2.22
C LEU A 122 -10.38 22.77 -1.17
N ASP A 123 -9.11 23.02 -0.86
CA ASP A 123 -8.76 24.09 0.07
C ASP A 123 -9.11 25.43 -0.55
N LYS A 124 -8.87 25.56 -1.86
CA LYS A 124 -9.14 26.80 -2.58
C LYS A 124 -10.55 26.80 -3.14
N HIS A 125 -11.06 25.61 -3.46
CA HIS A 125 -12.39 25.48 -4.04
C HIS A 125 -13.24 24.48 -3.28
N PRO A 126 -13.64 24.82 -2.04
CA PRO A 126 -14.38 23.90 -1.17
C PRO A 126 -15.74 23.44 -1.71
N GLU A 127 -16.38 24.29 -2.50
CA GLU A 127 -17.70 23.97 -3.03
C GLU A 127 -17.65 22.73 -3.92
N LEU A 128 -16.48 22.45 -4.49
CA LEU A 128 -16.31 21.28 -5.36
C LEU A 128 -16.52 19.95 -4.66
N LEU A 129 -16.60 19.95 -3.34
CA LEU A 129 -16.78 18.69 -2.63
C LEU A 129 -18.15 18.07 -2.93
N ASN A 130 -19.14 18.92 -3.22
CA ASN A 130 -20.49 18.44 -3.51
C ASN A 130 -20.55 17.66 -4.83
N GLU A 131 -19.53 17.84 -5.66
CA GLU A 131 -19.46 17.18 -6.97
C GLU A 131 -19.07 15.72 -6.86
N ILE A 132 -18.25 15.41 -5.85
CA ILE A 132 -17.64 14.08 -5.73
C ILE A 132 -17.96 13.38 -4.41
N ARG A 133 -18.67 14.05 -3.51
CA ARG A 133 -19.05 13.44 -2.24
C ARG A 133 -20.04 12.30 -2.47
N HIS B 2 2.04 -41.94 -12.19
CA HIS B 2 1.67 -42.07 -10.78
C HIS B 2 2.58 -41.25 -9.86
N MET B 3 2.86 -40.01 -10.27
CA MET B 3 3.74 -39.11 -9.52
C MET B 3 3.23 -38.74 -8.11
N LYS B 4 4.08 -38.95 -7.11
CA LYS B 4 3.75 -38.64 -5.74
C LYS B 4 3.78 -37.11 -5.52
N CYS B 5 2.91 -36.64 -4.63
CA CYS B 5 2.88 -35.24 -4.26
C CYS B 5 4.23 -34.80 -3.71
N PRO B 6 4.91 -33.86 -4.41
CA PRO B 6 6.19 -33.30 -3.98
C PRO B 6 6.08 -32.44 -2.70
N VAL B 7 4.89 -32.28 -2.16
CA VAL B 7 4.68 -31.44 -0.98
C VAL B 7 4.46 -32.28 0.29
N CYS B 8 3.39 -33.05 0.32
CA CYS B 8 3.10 -33.86 1.50
C CYS B 8 3.67 -35.27 1.39
N HIS B 9 4.06 -35.67 0.18
CA HIS B 9 4.64 -36.98 -0.06
C HIS B 9 3.70 -38.11 0.35
N GLN B 10 2.44 -37.78 0.62
CA GLN B 10 1.50 -38.75 1.16
C GLN B 10 0.33 -39.04 0.21
N GLY B 11 0.26 -38.28 -0.87
CA GLY B 11 -0.77 -38.49 -1.86
C GLY B 11 -0.17 -38.60 -3.24
N GLU B 12 -0.92 -39.21 -4.14
CA GLU B 12 -0.54 -39.29 -5.53
C GLU B 12 -1.14 -38.07 -6.25
N MET B 13 -0.49 -37.61 -7.32
CA MET B 13 -1.06 -36.57 -8.19
C MET B 13 -1.96 -37.22 -9.22
N VAL B 14 -3.24 -36.87 -9.18
CA VAL B 14 -4.24 -37.49 -10.05
C VAL B 14 -4.93 -36.43 -10.90
N SER B 15 -4.96 -36.66 -12.21
CA SER B 15 -5.59 -35.74 -13.14
C SER B 15 -7.10 -35.64 -12.95
N GLY B 16 -7.59 -34.40 -12.85
CA GLY B 16 -9.01 -34.18 -12.73
C GLY B 16 -9.27 -32.69 -12.80
N ILE B 17 -10.36 -32.27 -12.19
CA ILE B 17 -10.76 -30.87 -12.24
C ILE B 17 -11.12 -30.41 -10.86
N LYS B 18 -10.97 -29.12 -10.61
CA LYS B 18 -11.29 -28.56 -9.32
C LYS B 18 -11.87 -27.17 -9.52
N ASP B 19 -12.92 -26.87 -8.77
CA ASP B 19 -13.41 -25.51 -8.66
C ASP B 19 -12.50 -24.80 -7.68
N ILE B 20 -11.92 -23.69 -8.10
CA ILE B 20 -10.92 -23.00 -7.29
C ILE B 20 -11.47 -21.66 -6.78
N PRO B 21 -11.70 -21.56 -5.47
CA PRO B 21 -12.15 -20.27 -4.95
C PRO B 21 -11.04 -19.23 -5.18
N TYR B 22 -11.42 -17.98 -5.38
CA TYR B 22 -10.47 -16.90 -5.52
C TYR B 22 -11.09 -15.61 -4.99
N THR B 23 -10.28 -14.82 -4.29
CA THR B 23 -10.74 -13.55 -3.72
C THR B 23 -9.79 -12.41 -4.08
N PHE B 24 -10.36 -11.29 -4.48
CA PHE B 24 -9.59 -10.08 -4.75
C PHE B 24 -10.35 -8.84 -4.28
N ARG B 25 -9.69 -8.01 -3.50
CA ARG B 25 -10.28 -6.76 -3.00
C ARG B 25 -11.67 -7.02 -2.42
N GLY B 26 -11.82 -8.16 -1.76
CA GLY B 26 -13.06 -8.50 -1.08
C GLY B 26 -14.11 -9.20 -1.94
N ARG B 27 -13.88 -9.26 -3.25
CA ARG B 27 -14.83 -9.98 -4.12
C ARG B 27 -14.42 -11.44 -4.27
N LYS B 28 -15.39 -12.32 -4.07
CA LYS B 28 -15.14 -13.75 -4.12
C LYS B 28 -15.76 -14.36 -5.37
N THR B 29 -15.05 -15.31 -5.96
CA THR B 29 -15.53 -16.02 -7.13
C THR B 29 -15.07 -17.48 -6.99
N VAL B 30 -15.57 -18.33 -7.87
CA VAL B 30 -15.10 -19.71 -7.98
C VAL B 30 -14.71 -19.89 -9.42
N LEU B 31 -13.44 -20.21 -9.66
CA LEU B 31 -13.00 -20.55 -11.00
C LEU B 31 -13.25 -22.05 -11.20
N LYS B 32 -14.18 -22.39 -12.07
CA LYS B 32 -14.74 -23.72 -12.10
C LYS B 32 -14.12 -24.69 -13.10
N GLY B 33 -14.09 -25.97 -12.72
CA GLY B 33 -13.66 -27.04 -13.60
C GLY B 33 -12.22 -26.92 -14.02
N ILE B 34 -11.37 -26.43 -13.12
CA ILE B 34 -9.98 -26.22 -13.47
C ILE B 34 -9.23 -27.54 -13.59
N HIS B 35 -8.76 -27.85 -14.79
CA HIS B 35 -7.99 -29.06 -15.03
C HIS B 35 -6.58 -28.95 -14.46
N GLY B 36 -6.11 -30.06 -13.88
CA GLY B 36 -4.78 -30.13 -13.33
C GLY B 36 -4.49 -31.49 -12.73
N LEU B 37 -3.29 -31.66 -12.20
CA LEU B 37 -2.97 -32.80 -11.36
C LEU B 37 -3.20 -32.36 -9.93
N TYR B 38 -3.94 -33.15 -9.18
CA TYR B 38 -4.22 -32.77 -7.81
C TYR B 38 -3.79 -33.88 -6.87
N CYS B 39 -3.23 -33.49 -5.74
CA CYS B 39 -2.81 -34.47 -4.76
C CYS B 39 -4.04 -35.01 -4.05
N VAL B 40 -4.08 -36.33 -3.88
CA VAL B 40 -5.17 -37.00 -3.21
C VAL B 40 -5.23 -36.55 -1.76
N HIS B 41 -4.08 -36.22 -1.21
CA HIS B 41 -3.94 -35.99 0.22
C HIS B 41 -4.06 -34.52 0.61
N CYS B 42 -3.31 -33.66 -0.07
CA CYS B 42 -3.29 -32.24 0.27
C CYS B 42 -3.75 -31.38 -0.88
N GLU B 43 -3.46 -30.08 -0.78
CA GLU B 43 -3.95 -29.10 -1.73
C GLU B 43 -3.01 -28.91 -2.91
N GLU B 44 -1.86 -29.58 -2.85
CA GLU B 44 -0.88 -29.47 -3.92
C GLU B 44 -1.53 -29.73 -5.28
N SER B 45 -1.37 -28.79 -6.20
CA SER B 45 -1.81 -28.99 -7.58
C SER B 45 -0.67 -28.73 -8.57
N ILE B 46 -0.73 -29.40 -9.71
CA ILE B 46 0.26 -29.20 -10.75
C ILE B 46 -0.41 -29.09 -12.10
N MET B 47 -0.32 -27.91 -12.70
CA MET B 47 -0.92 -27.68 -14.01
C MET B 47 0.16 -27.60 -15.09
N ASN B 48 -0.16 -28.13 -16.27
CA ASN B 48 0.75 -27.96 -17.38
C ASN B 48 0.66 -26.51 -17.87
N LYS B 49 1.38 -26.19 -18.94
CA LYS B 49 1.41 -24.83 -19.43
C LYS B 49 0.02 -24.40 -19.90
N GLU B 50 -0.62 -25.23 -20.70
CA GLU B 50 -1.97 -24.93 -21.18
C GLU B 50 -2.94 -24.64 -20.05
N GLU B 51 -2.86 -25.46 -19.00
CA GLU B 51 -3.73 -25.31 -17.83
C GLU B 51 -3.37 -24.10 -16.99
N SER B 52 -2.09 -23.85 -16.79
CA SER B 52 -1.63 -22.66 -16.08
C SER B 52 -2.10 -21.39 -16.78
N ASP B 53 -1.88 -21.35 -18.09
CA ASP B 53 -2.22 -20.18 -18.87
C ASP B 53 -3.71 -19.87 -18.80
N ALA B 54 -4.53 -20.89 -19.04
CA ALA B 54 -5.98 -20.75 -18.92
C ALA B 54 -6.40 -20.22 -17.55
N PHE B 55 -5.79 -20.78 -16.51
CA PHE B 55 -6.13 -20.42 -15.16
C PHE B 55 -5.74 -18.97 -14.89
N MET B 56 -4.49 -18.62 -15.18
CA MET B 56 -4.01 -17.28 -14.92
C MET B 56 -4.79 -16.24 -15.72
N ALA B 57 -5.23 -16.61 -16.92
CA ALA B 57 -6.06 -15.73 -17.72
C ALA B 57 -7.41 -15.46 -17.04
N GLN B 58 -7.96 -16.50 -16.42
CA GLN B 58 -9.19 -16.35 -15.66
C GLN B 58 -9.00 -15.49 -14.42
N VAL B 59 -7.92 -15.73 -13.68
CA VAL B 59 -7.60 -14.87 -12.55
C VAL B 59 -7.40 -13.41 -12.97
N LYS B 60 -6.66 -13.17 -14.04
CA LYS B 60 -6.43 -11.82 -14.52
C LYS B 60 -7.73 -11.16 -14.95
N ALA B 61 -8.58 -11.95 -15.61
CA ALA B 61 -9.89 -11.49 -16.05
C ALA B 61 -10.76 -11.10 -14.87
N PHE B 62 -10.74 -11.91 -13.82
CA PHE B 62 -11.54 -11.65 -12.64
C PHE B 62 -11.09 -10.37 -11.96
N ARG B 63 -9.79 -10.22 -11.75
CA ARG B 63 -9.30 -9.03 -11.07
C ARG B 63 -9.67 -7.76 -11.82
N ALA B 64 -9.55 -7.78 -13.15
CA ALA B 64 -9.89 -6.64 -13.96
C ALA B 64 -11.36 -6.28 -13.85
N SER B 65 -12.23 -7.27 -13.73
CA SER B 65 -13.65 -6.98 -13.61
C SER B 65 -13.99 -6.44 -12.22
N VAL B 66 -13.25 -6.91 -11.22
CA VAL B 66 -13.38 -6.37 -9.87
C VAL B 66 -12.94 -4.90 -9.81
N ASN B 67 -11.80 -4.58 -10.40
CA ASN B 67 -11.37 -3.19 -10.43
C ASN B 67 -12.34 -2.30 -11.22
N ALA B 68 -12.94 -2.86 -12.27
CA ALA B 68 -13.81 -2.09 -13.13
C ALA B 68 -15.14 -1.75 -12.46
N GLU B 69 -15.37 -2.31 -11.29
CA GLU B 69 -16.60 -1.98 -10.56
C GLU B 69 -16.56 -0.56 -10.03
N THR B 70 -15.36 -0.10 -9.68
CA THR B 70 -15.20 1.20 -9.04
C THR B 70 -14.53 2.25 -9.94
N VAL B 71 -13.89 1.82 -11.02
CA VAL B 71 -13.33 2.77 -11.97
C VAL B 71 -13.12 2.12 -13.33
N ALA B 72 -13.69 2.75 -14.37
CA ALA B 72 -13.51 2.29 -15.75
C ALA B 72 -12.13 2.66 -16.24
N PRO B 73 -11.37 1.66 -16.71
CA PRO B 73 -10.05 1.98 -17.27
C PRO B 73 -10.12 3.06 -18.35
N GLU B 74 -11.23 3.09 -19.09
CA GLU B 74 -11.41 4.04 -20.19
C GLU B 74 -11.53 5.47 -19.69
N PHE B 75 -12.19 5.65 -18.55
CA PHE B 75 -12.30 6.94 -17.89
C PHE B 75 -10.93 7.51 -17.51
N ILE B 76 -10.07 6.64 -16.99
CA ILE B 76 -8.70 7.04 -16.59
C ILE B 76 -7.85 7.49 -17.78
N VAL B 77 -7.82 6.68 -18.82
CA VAL B 77 -7.06 7.03 -20.02
C VAL B 77 -7.57 8.34 -20.57
N LYS B 78 -8.89 8.49 -20.57
CA LYS B 78 -9.54 9.65 -21.14
C LYS B 78 -9.13 10.92 -20.43
N VAL B 79 -9.14 10.90 -19.11
CA VAL B 79 -8.81 12.11 -18.37
C VAL B 79 -7.33 12.42 -18.48
N ARG B 80 -6.51 11.38 -18.60
CA ARG B 80 -5.06 11.57 -18.68
C ARG B 80 -4.65 12.22 -20.00
N LYS B 81 -5.11 11.65 -21.09
CA LYS B 81 -4.87 12.22 -22.42
C LYS B 81 -5.48 13.61 -22.54
N LYS B 82 -6.52 13.86 -21.76
CA LYS B 82 -7.22 15.14 -21.77
C LYS B 82 -6.39 16.22 -21.07
N LEU B 83 -5.67 15.82 -20.03
CA LEU B 83 -4.79 16.74 -19.31
C LEU B 83 -3.45 16.79 -20.02
N SER B 84 -3.38 16.08 -21.14
CA SER B 84 -2.15 16.00 -21.95
C SER B 84 -0.97 15.53 -21.11
N LEU B 85 -1.18 14.41 -20.42
CA LEU B 85 -0.14 13.79 -19.61
C LEU B 85 0.16 12.40 -20.14
N THR B 86 1.44 12.05 -20.16
CA THR B 86 1.80 10.67 -20.42
C THR B 86 1.59 9.93 -19.10
N GLN B 87 1.75 8.63 -19.10
CA GLN B 87 1.54 7.89 -17.86
C GLN B 87 2.58 8.29 -16.82
N LYS B 88 3.84 8.42 -17.26
CA LYS B 88 4.91 8.82 -16.35
C LYS B 88 4.67 10.23 -15.77
N GLU B 89 4.15 11.14 -16.59
CA GLU B 89 3.80 12.48 -16.13
C GLU B 89 2.63 12.39 -15.16
N ALA B 90 1.66 11.56 -15.49
CA ALA B 90 0.48 11.37 -14.64
C ALA B 90 0.87 10.78 -13.28
N SER B 91 1.81 9.86 -13.28
CA SER B 91 2.22 9.19 -12.05
C SER B 91 2.96 10.15 -11.13
N GLU B 92 3.72 11.07 -11.73
CA GLU B 92 4.48 12.06 -10.98
C GLU B 92 3.56 12.99 -10.20
N ILE B 93 2.43 13.33 -10.81
CA ILE B 93 1.45 14.21 -10.18
C ILE B 93 0.54 13.45 -9.22
N PHE B 94 0.03 12.31 -9.68
CA PHE B 94 -0.97 11.57 -8.90
C PHE B 94 -0.41 10.52 -7.95
N GLY B 95 0.87 10.20 -8.12
CA GLY B 95 1.50 9.18 -7.30
C GLY B 95 1.47 7.78 -7.91
N GLY B 96 2.04 6.81 -7.19
CA GLY B 96 1.98 5.41 -7.61
C GLY B 96 3.22 4.84 -8.28
N GLY B 97 4.19 5.69 -8.61
CA GLY B 97 5.38 5.25 -9.32
C GLY B 97 5.15 5.25 -10.82
N VAL B 98 6.22 5.06 -11.59
CA VAL B 98 6.17 5.26 -13.05
C VAL B 98 5.19 4.34 -13.75
N ASN B 99 4.97 3.16 -13.19
CA ASN B 99 4.11 2.16 -13.82
C ASN B 99 2.65 2.33 -13.43
N ALA B 100 2.41 3.15 -12.41
CA ALA B 100 1.07 3.38 -11.87
C ALA B 100 -0.03 3.33 -12.92
N PHE B 101 -0.02 4.28 -13.85
CA PHE B 101 -1.15 4.43 -14.78
C PHE B 101 -1.30 3.28 -15.78
N SER B 102 -0.21 2.60 -16.08
CA SER B 102 -0.31 1.43 -16.95
C SER B 102 -1.09 0.34 -16.24
N ARG B 103 -0.86 0.22 -14.94
CA ARG B 103 -1.55 -0.77 -14.11
C ARG B 103 -3.04 -0.45 -13.93
N TYR B 104 -3.37 0.84 -13.77
CA TYR B 104 -4.78 1.23 -13.68
C TYR B 104 -5.49 1.02 -15.01
N GLU B 105 -4.84 1.43 -16.09
CA GLU B 105 -5.47 1.49 -17.40
C GLU B 105 -5.64 0.11 -18.02
N LYS B 106 -4.83 -0.83 -17.56
CA LYS B 106 -4.95 -2.23 -17.98
C LYS B 106 -5.94 -2.98 -17.10
N GLY B 107 -6.28 -2.38 -15.95
CA GLY B 107 -7.34 -2.91 -15.12
C GLY B 107 -6.82 -3.86 -14.07
N ASN B 108 -5.50 -3.88 -13.89
CA ASN B 108 -4.85 -4.87 -13.04
C ASN B 108 -4.68 -4.40 -11.60
N ALA B 109 -4.76 -3.09 -11.38
CA ALA B 109 -4.64 -2.51 -10.06
C ALA B 109 -5.66 -1.39 -9.84
N GLN B 110 -6.15 -1.28 -8.61
CA GLN B 110 -7.12 -0.25 -8.26
C GLN B 110 -6.43 1.02 -7.78
N PRO B 111 -6.73 2.18 -8.41
CA PRO B 111 -6.22 3.49 -7.97
C PRO B 111 -6.79 3.88 -6.61
N HIS B 112 -6.07 4.73 -5.88
CA HIS B 112 -6.52 5.21 -4.59
C HIS B 112 -7.88 5.88 -4.77
N PRO B 113 -8.77 5.81 -3.77
CA PRO B 113 -10.04 6.53 -3.91
C PRO B 113 -9.86 8.02 -4.18
N SER B 114 -8.77 8.59 -3.70
CA SER B 114 -8.53 10.02 -3.90
C SER B 114 -7.96 10.26 -5.29
N THR B 115 -7.33 9.25 -5.87
CA THR B 115 -6.86 9.38 -7.24
C THR B 115 -8.07 9.42 -8.18
N ILE B 116 -9.02 8.51 -7.94
CA ILE B 116 -10.24 8.43 -8.74
C ILE B 116 -11.02 9.73 -8.63
N LYS B 117 -11.22 10.21 -7.40
CA LYS B 117 -12.02 11.40 -7.16
C LYS B 117 -11.33 12.66 -7.67
N LEU B 118 -10.01 12.71 -7.59
CA LEU B 118 -9.29 13.86 -8.12
C LEU B 118 -9.36 13.86 -9.63
N LEU B 119 -9.33 12.67 -10.22
CA LEU B 119 -9.50 12.52 -11.66
C LEU B 119 -10.89 12.98 -12.08
N ARG B 120 -11.88 12.74 -11.21
CA ARG B 120 -13.23 13.21 -11.48
C ARG B 120 -13.34 14.74 -11.40
N VAL B 121 -12.69 15.35 -10.41
CA VAL B 121 -12.70 16.80 -10.32
C VAL B 121 -12.10 17.44 -11.57
N LEU B 122 -10.97 16.91 -12.00
CA LEU B 122 -10.22 17.49 -13.10
C LEU B 122 -10.84 17.17 -14.46
N ASP B 123 -11.70 16.15 -14.50
CA ASP B 123 -12.42 15.82 -15.73
C ASP B 123 -13.39 16.95 -16.09
N LYS B 124 -14.05 17.52 -15.07
CA LYS B 124 -15.01 18.61 -15.27
C LYS B 124 -14.31 19.96 -15.22
N HIS B 125 -13.22 20.03 -14.46
CA HIS B 125 -12.49 21.29 -14.30
C HIS B 125 -11.00 21.12 -14.56
N PRO B 126 -10.64 20.87 -15.83
CA PRO B 126 -9.24 20.57 -16.20
C PRO B 126 -8.24 21.69 -15.91
N GLU B 127 -8.71 22.93 -15.96
CA GLU B 127 -7.84 24.08 -15.72
C GLU B 127 -7.21 24.02 -14.33
N LEU B 128 -7.89 23.38 -13.39
CA LEU B 128 -7.41 23.26 -12.01
C LEU B 128 -6.07 22.52 -11.87
N LEU B 129 -5.63 21.85 -12.93
CA LEU B 129 -4.38 21.11 -12.84
C LEU B 129 -3.19 22.05 -12.65
N ASN B 130 -3.30 23.28 -13.13
CA ASN B 130 -2.23 24.26 -13.02
C ASN B 130 -2.02 24.71 -11.59
N GLU B 131 -3.04 24.50 -10.74
CA GLU B 131 -2.97 24.89 -9.34
C GLU B 131 -2.09 23.94 -8.53
N ILE B 132 -2.07 22.66 -8.92
CA ILE B 132 -1.43 21.63 -8.09
C ILE B 132 -0.32 20.87 -8.80
N ARG B 133 -0.11 21.17 -10.08
CA ARG B 133 0.94 20.51 -10.85
C ARG B 133 2.31 20.92 -10.34
ZN ZN E . 24.56 -12.65 19.24
ZN ZN F . 0.19 -33.56 -1.30
C1 GOL G . -11.99 -1.22 -4.59
O1 GOL G . -12.39 -2.57 -4.69
C2 GOL G . -12.62 -0.55 -3.39
O2 GOL G . -12.71 0.84 -3.63
C3 GOL G . -11.75 -0.78 -2.15
O3 GOL G . -11.74 0.36 -1.32
C1 GOL H . -2.75 8.42 15.66
O1 GOL H . -3.83 7.62 15.20
C2 GOL H . -1.82 7.62 16.57
O2 GOL H . -0.69 8.40 16.96
C3 GOL H . -1.37 6.36 15.85
O3 GOL H . -1.53 6.55 14.47
#